data_5XPN
#
_entry.id   5XPN
#
_cell.length_a   153.740
_cell.length_b   43.160
_cell.length_c   42.030
_cell.angle_alpha   90.00
_cell.angle_beta   95.32
_cell.angle_gamma   90.00
#
_symmetry.space_group_name_H-M   'C 1 2 1'
#
loop_
_entity.id
_entity.type
_entity.pdbx_description
1 polymer 'Vitamin D3 receptor'
2 polymer 'Mediator of RNA polymerase II transcription subunit 1'
3 non-polymer (1~{R},3~{R})-5-[(2~{E})-2-[(1~{R},3~{a}~{S},7~{a}~{R})-1-[(2~{R},6~{S})-6-(4-hydroxyphenyl)-6-methoxy-hexan-2-yl]-7~{a}-methyl-2,3,3~{a},5,6,7-hexahydro-1~{H}-inden-4-ylidene]ethylidene]-2-methylidene-cyclohexane-1,3-diol
4 non-polymer (1~{R},3~{R})-5-[(2~{E})-2-[(1~{R},3~{a}~{S},7~{a}~{R})-1-[(2~{R},6~{R})-6-(4-hydroxyphenyl)-6-methoxy-hexan-2-yl]-7~{a}-methyl-2,3,3~{a},5,6,7-hexahydro-1~{H}-inden-4-ylidene]ethylidene]-2-methylidene-cyclohexane-1,3-diol
5 water water
#
loop_
_entity_poly.entity_id
_entity_poly.type
_entity_poly.pdbx_seq_one_letter_code
_entity_poly.pdbx_strand_id
1 'polypeptide(L)'
;GSHMGSPNSPLKDSLRPKLSEEQQHIIAILLDAHHKTYDPTYADFRDFRPPVRMDGSTGSVTLDLSPLSMLPHLADLVSY
SIQKVIGFAKMIPGFRDLTSDDQIVLLKSSAIEVIMLRSNQSFTMDDMSWDCGSQDYKYDVTDVSKAGHTLELIEPLIKF
QVGLKKLNLHEEEHVLLMAICIVSPDRPGVQDAKLVEAIQDRLSNTLQTYIRCRHPPPGSHQLYAKMIQKLADLRSLNEE
HSKQYRSLSFQPENSMKLTPLVLEVFGNEIS
;
A
2 'polypeptide(L)' KNHPMLMNLLKDN C
#
# COMPACT_ATOMS: atom_id res chain seq x y z
N LYS A 18 20.19 -14.04 17.39
CA LYS A 18 19.86 -14.38 15.97
C LYS A 18 19.52 -13.11 15.20
N LEU A 19 18.68 -12.26 15.79
CA LEU A 19 18.43 -10.93 15.19
C LEU A 19 19.63 -10.01 15.46
N SER A 20 20.41 -9.78 14.40
CA SER A 20 21.59 -8.96 14.47
C SER A 20 21.26 -7.49 14.84
N GLU A 21 22.29 -6.64 14.96
CA GLU A 21 22.09 -5.21 15.24
C GLU A 21 21.64 -4.48 13.96
N GLU A 22 22.15 -4.89 12.81
CA GLU A 22 21.72 -4.38 11.51
C GLU A 22 20.21 -4.65 11.30
N GLN A 23 19.74 -5.82 11.71
CA GLN A 23 18.35 -6.18 11.57
C GLN A 23 17.47 -5.44 12.58
N GLN A 24 17.97 -5.18 13.79
CA GLN A 24 17.18 -4.39 14.75
C GLN A 24 17.06 -2.91 14.34
N HIS A 25 18.14 -2.40 13.80
CA HIS A 25 18.18 -1.07 13.19
C HIS A 25 17.16 -0.95 12.05
N ILE A 26 17.19 -1.89 11.11
CA ILE A 26 16.21 -1.92 10.01
C ILE A 26 14.77 -1.77 10.56
N ILE A 27 14.44 -2.59 11.57
CA ILE A 27 13.09 -2.63 12.14
C ILE A 27 12.70 -1.36 12.84
N ALA A 28 13.64 -0.82 13.57
CA ALA A 28 13.45 0.47 14.22
C ALA A 28 13.26 1.60 13.19
N ILE A 29 14.03 1.59 12.11
CA ILE A 29 13.83 2.62 11.03
C ILE A 29 12.44 2.53 10.37
N LEU A 30 11.98 1.32 10.16
CA LEU A 30 10.72 1.03 9.48
C LEU A 30 9.52 1.30 10.36
N LEU A 31 9.59 0.94 11.62
CA LEU A 31 8.54 1.32 12.55
C LEU A 31 8.31 2.84 12.63
N ASP A 32 9.40 3.58 12.81
CA ASP A 32 9.37 5.04 12.89
C ASP A 32 8.90 5.68 11.59
N ALA A 33 9.40 5.17 10.47
CA ALA A 33 8.97 5.69 9.14
C ALA A 33 7.49 5.52 8.96
N HIS A 34 6.99 4.36 9.37
CA HIS A 34 5.55 4.09 9.30
C HIS A 34 4.80 5.07 10.20
N HIS A 35 5.30 5.28 11.41
CA HIS A 35 4.65 6.18 12.37
C HIS A 35 4.62 7.60 11.87
N LYS A 36 5.69 8.01 11.20
CA LYS A 36 5.75 9.31 10.56
C LYS A 36 4.82 9.46 9.36
N THR A 37 4.39 8.34 8.77
CA THR A 37 3.57 8.41 7.54
C THR A 37 2.14 7.85 7.67
N TYR A 38 1.78 7.37 8.86
CA TYR A 38 0.46 6.80 9.13
C TYR A 38 -0.14 7.42 10.40
N ASP A 39 -1.08 8.35 10.20
CA ASP A 39 -1.74 9.00 11.32
C ASP A 39 -3.05 8.24 11.68
N PRO A 40 -3.05 7.49 12.81
CA PRO A 40 -4.23 6.68 13.16
C PRO A 40 -5.36 7.50 13.70
N THR A 41 -5.19 8.81 13.86
CA THR A 41 -6.35 9.69 14.10
C THR A 41 -7.05 10.08 12.78
N TYR A 42 -6.35 10.00 11.65
CA TYR A 42 -6.92 10.35 10.35
C TYR A 42 -7.39 11.81 10.25
N ALA A 43 -6.70 12.69 10.95
CA ALA A 43 -7.05 14.11 11.00
C ALA A 43 -7.04 14.82 9.62
N ASP A 44 -6.13 14.43 8.73
CA ASP A 44 -6.04 15.13 7.45
C ASP A 44 -7.21 14.82 6.55
N PHE A 45 -8.07 13.88 6.93
CA PHE A 45 -9.18 13.48 6.06
C PHE A 45 -10.15 14.60 5.80
N ARG A 46 -10.13 15.59 6.69
CA ARG A 46 -10.96 16.79 6.60
C ARG A 46 -10.61 17.63 5.39
N ASP A 47 -9.38 17.53 4.93
CA ASP A 47 -8.98 18.31 3.76
C ASP A 47 -9.49 17.69 2.48
N PHE A 48 -10.09 16.48 2.51
CA PHE A 48 -10.45 15.81 1.24
C PHE A 48 -11.80 16.36 0.81
N ARG A 49 -12.07 16.43 -0.51
CA ARG A 49 -13.41 16.63 -1.01
C ARG A 49 -14.41 15.76 -0.24
N PRO A 50 -15.59 16.30 0.11
CA PRO A 50 -16.43 15.54 1.08
C PRO A 50 -17.00 14.24 0.46
N PRO A 51 -17.17 13.18 1.30
CA PRO A 51 -17.77 11.97 0.75
C PRO A 51 -19.25 12.21 0.51
N VAL A 52 -19.82 11.56 -0.48
CA VAL A 52 -21.24 11.61 -0.70
C VAL A 52 -21.86 10.22 -0.85
N ARG A 53 -22.78 9.93 0.07
CA ARG A 53 -23.45 8.63 0.20
C ARG A 53 -24.95 8.68 -0.15
N MET A 54 -25.65 9.76 0.20
CA MET A 54 -27.09 10.00 -0.17
C MET A 54 -28.09 8.93 0.30
N SER A 66 -25.42 9.68 -8.79
CA SER A 66 -24.82 9.08 -7.61
C SER A 66 -24.08 7.74 -7.88
N PRO A 67 -23.87 7.37 -9.18
CA PRO A 67 -23.03 6.14 -9.32
C PRO A 67 -21.56 6.37 -8.94
N LEU A 68 -21.06 7.60 -9.10
CA LEU A 68 -19.65 7.89 -8.85
C LEU A 68 -19.57 8.97 -7.81
N SER A 69 -20.48 8.91 -6.86
CA SER A 69 -20.62 9.89 -5.82
C SER A 69 -19.41 9.96 -4.88
N MET A 70 -18.87 8.79 -4.51
CA MET A 70 -17.68 8.70 -3.61
C MET A 70 -16.34 8.91 -4.30
N LEU A 71 -16.31 9.05 -5.63
CA LEU A 71 -15.06 9.13 -6.37
C LEU A 71 -14.15 10.32 -5.97
N PRO A 72 -14.70 11.56 -5.89
CA PRO A 72 -13.83 12.67 -5.42
C PRO A 72 -13.18 12.42 -4.05
N HIS A 73 -13.98 12.06 -3.06
CA HIS A 73 -13.42 11.73 -1.78
C HIS A 73 -12.36 10.61 -1.80
N LEU A 74 -12.69 9.48 -2.40
CA LEU A 74 -11.71 8.39 -2.42
C LEU A 74 -10.50 8.65 -3.35
N ALA A 75 -10.67 9.41 -4.43
CA ALA A 75 -9.57 9.84 -5.23
C ALA A 75 -8.59 10.62 -4.36
N ASP A 76 -9.11 11.59 -3.63
CA ASP A 76 -8.34 12.39 -2.68
C ASP A 76 -7.65 11.51 -1.61
N LEU A 77 -8.38 10.57 -1.05
CA LEU A 77 -7.82 9.66 -0.06
C LEU A 77 -6.62 8.83 -0.65
N VAL A 78 -6.88 8.28 -1.81
CA VAL A 78 -5.83 7.54 -2.55
C VAL A 78 -4.63 8.42 -2.84
N SER A 79 -4.87 9.65 -3.32
CA SER A 79 -3.82 10.58 -3.67
C SER A 79 -2.94 10.91 -2.47
N TYR A 80 -3.56 11.21 -1.33
CA TYR A 80 -2.83 11.42 -0.08
C TYR A 80 -2.04 10.16 0.32
N SER A 81 -2.63 9.00 0.13
CA SER A 81 -2.04 7.75 0.56
C SER A 81 -0.87 7.45 -0.33
N ILE A 82 -0.95 7.82 -1.63
CA ILE A 82 0.26 7.67 -2.47
C ILE A 82 1.38 8.50 -1.81
N GLN A 83 1.05 9.72 -1.40
CA GLN A 83 2.08 10.65 -0.88
C GLN A 83 2.77 10.04 0.34
N LYS A 84 1.97 9.43 1.20
CA LYS A 84 2.47 8.82 2.40
C LYS A 84 3.26 7.55 2.14
N VAL A 85 2.84 6.75 1.18
CA VAL A 85 3.65 5.59 0.75
C VAL A 85 5.03 5.99 0.17
N ILE A 86 5.08 7.07 -0.62
CA ILE A 86 6.37 7.64 -1.01
C ILE A 86 7.26 8.05 0.16
N GLY A 87 6.68 8.78 1.13
CA GLY A 87 7.42 9.18 2.34
C GLY A 87 7.98 7.97 3.13
N PHE A 88 7.19 6.89 3.15
CA PHE A 88 7.64 5.65 3.81
C PHE A 88 8.76 5.02 3.03
N ALA A 89 8.52 4.83 1.73
CA ALA A 89 9.50 4.23 0.81
C ALA A 89 10.89 4.87 0.83
N LYS A 90 10.95 6.21 0.81
CA LYS A 90 12.20 7.00 0.92
C LYS A 90 13.07 6.62 2.12
N MET A 91 12.42 6.25 3.23
CA MET A 91 13.04 5.81 4.46
C MET A 91 13.42 4.31 4.52
N ILE A 92 13.12 3.54 3.47
CA ILE A 92 13.49 2.13 3.51
C ILE A 92 15.00 2.01 3.43
N PRO A 93 15.65 1.34 4.44
CA PRO A 93 17.10 1.14 4.39
C PRO A 93 17.54 0.57 3.05
N GLY A 94 18.41 1.32 2.38
CA GLY A 94 18.89 0.91 1.03
C GLY A 94 18.21 1.58 -0.17
N PHE A 95 16.99 2.05 0.02
CA PHE A 95 16.20 2.55 -1.09
C PHE A 95 16.88 3.71 -1.85
N ARG A 96 17.53 4.57 -1.08
CA ARG A 96 18.20 5.77 -1.58
C ARG A 96 19.44 5.51 -2.43
N ASP A 97 20.00 4.28 -2.37
CA ASP A 97 21.12 3.88 -3.22
C ASP A 97 20.63 3.50 -4.60
N LEU A 98 19.33 3.28 -4.73
CA LEU A 98 18.72 3.07 -6.04
C LEU A 98 18.73 4.37 -6.83
N THR A 99 18.73 4.27 -8.16
CA THR A 99 18.66 5.45 -9.04
C THR A 99 17.27 5.99 -8.95
N SER A 100 17.09 7.27 -9.30
CA SER A 100 15.74 7.84 -9.45
C SER A 100 14.83 7.05 -10.32
N ASP A 101 15.32 6.58 -11.46
CA ASP A 101 14.44 5.89 -12.39
C ASP A 101 13.89 4.62 -11.75
N ASP A 102 14.75 3.98 -10.96
CA ASP A 102 14.37 2.70 -10.33
C ASP A 102 13.39 2.98 -9.16
N GLN A 103 13.67 4.06 -8.43
CA GLN A 103 12.76 4.51 -7.40
C GLN A 103 11.39 4.69 -7.99
N ILE A 104 11.33 5.40 -9.13
CA ILE A 104 10.09 5.69 -9.78
C ILE A 104 9.31 4.45 -10.17
N VAL A 105 9.97 3.55 -10.87
CA VAL A 105 9.33 2.32 -11.34
C VAL A 105 8.80 1.51 -10.15
N LEU A 106 9.53 1.45 -9.04
CA LEU A 106 9.12 0.62 -7.87
C LEU A 106 7.87 1.25 -7.25
N LEU A 107 7.81 2.57 -7.23
CA LEU A 107 6.68 3.21 -6.59
C LEU A 107 5.45 3.18 -7.44
N LYS A 108 5.63 3.42 -8.74
CA LYS A 108 4.51 3.36 -9.68
C LYS A 108 3.75 2.03 -9.62
N SER A 109 4.50 0.96 -9.54
CA SER A 109 3.95 -0.37 -9.67
C SER A 109 3.42 -0.82 -8.31
N SER A 110 4.05 -0.39 -7.20
CA SER A 110 3.64 -0.92 -5.88
C SER A 110 2.61 -0.07 -5.15
N ALA A 111 2.46 1.17 -5.55
CA ALA A 111 1.66 2.14 -4.80
C ALA A 111 0.31 1.61 -4.37
N ILE A 112 -0.46 1.07 -5.33
CA ILE A 112 -1.82 0.62 -4.97
C ILE A 112 -1.82 -0.52 -3.94
N GLU A 113 -0.84 -1.39 -4.09
CA GLU A 113 -0.67 -2.59 -3.27
C GLU A 113 -0.31 -2.18 -1.86
N VAL A 114 0.62 -1.22 -1.73
CA VAL A 114 0.98 -0.72 -0.38
C VAL A 114 -0.18 0.00 0.23
N ILE A 115 -0.92 0.77 -0.54
CA ILE A 115 -2.16 1.36 -0.04
C ILE A 115 -3.14 0.28 0.47
N MET A 116 -3.29 -0.79 -0.30
CA MET A 116 -4.11 -1.90 0.13
C MET A 116 -3.60 -2.51 1.41
N LEU A 117 -2.28 -2.78 1.47
CA LEU A 117 -1.69 -3.36 2.69
C LEU A 117 -1.83 -2.44 3.91
N ARG A 118 -1.52 -1.16 3.73
CA ARG A 118 -1.56 -0.20 4.85
C ARG A 118 -2.99 0.03 5.30
N SER A 119 -3.93 -0.06 4.36
CA SER A 119 -5.37 0.08 4.73
C SER A 119 -5.82 -0.98 5.78
N ASN A 120 -5.10 -2.09 5.90
CA ASN A 120 -5.47 -3.17 6.84
C ASN A 120 -5.57 -2.67 8.26
N GLN A 121 -4.83 -1.62 8.57
CA GLN A 121 -4.85 -1.01 9.87
C GLN A 121 -6.17 -0.36 10.21
N SER A 122 -6.89 0.16 9.24
CA SER A 122 -8.21 0.67 9.46
C SER A 122 -9.33 -0.36 9.21
N PHE A 123 -8.97 -1.47 8.56
CA PHE A 123 -9.94 -2.46 8.17
C PHE A 123 -10.39 -3.19 9.44
N THR A 124 -11.70 -3.40 9.56
CA THR A 124 -12.27 -4.13 10.70
C THR A 124 -13.15 -5.23 10.19
N MET A 125 -12.90 -6.44 10.69
CA MET A 125 -13.74 -7.59 10.39
C MET A 125 -15.11 -7.52 11.08
N ASP A 126 -15.35 -6.52 11.91
CA ASP A 126 -16.60 -6.40 12.58
C ASP A 126 -17.66 -6.25 11.51
N ASP A 127 -17.52 -5.27 10.62
CA ASP A 127 -18.48 -5.10 9.52
C ASP A 127 -17.84 -5.02 8.13
N MET A 128 -16.59 -5.49 8.04
CA MET A 128 -15.90 -5.57 6.79
C MET A 128 -15.85 -4.19 6.16
N SER A 129 -15.36 -3.25 6.96
CA SER A 129 -15.23 -1.88 6.51
C SER A 129 -13.84 -1.33 6.89
N TRP A 130 -13.45 -0.25 6.23
CA TRP A 130 -12.30 0.52 6.71
C TRP A 130 -12.86 1.68 7.52
N ASP A 131 -12.53 1.68 8.79
CA ASP A 131 -13.12 2.61 9.76
C ASP A 131 -12.09 3.62 10.13
N CYS A 132 -12.16 4.79 9.49
CA CYS A 132 -11.23 5.85 9.78
C CYS A 132 -11.73 6.87 10.81
N GLY A 133 -12.51 6.41 11.79
CA GLY A 133 -12.66 7.14 13.06
C GLY A 133 -13.98 7.82 13.24
N SER A 134 -14.72 7.98 12.15
CA SER A 134 -16.03 8.61 12.20
C SER A 134 -16.82 8.08 11.04
N GLN A 135 -18.14 8.13 11.18
CA GLN A 135 -19.04 7.63 10.15
C GLN A 135 -18.80 8.20 8.74
N ASP A 136 -18.53 9.49 8.67
CA ASP A 136 -18.09 10.13 7.42
C ASP A 136 -16.96 9.35 6.72
N TYR A 137 -15.99 8.96 7.54
CA TYR A 137 -14.78 8.28 7.12
C TYR A 137 -14.81 6.79 7.42
N LYS A 138 -15.99 6.16 7.40
CA LYS A 138 -16.03 4.72 7.50
C LYS A 138 -16.47 4.17 6.14
N TYR A 139 -15.59 3.39 5.48
CA TYR A 139 -15.86 2.95 4.07
C TYR A 139 -16.17 1.48 3.93
N ASP A 140 -17.24 1.19 3.19
CA ASP A 140 -17.67 -0.21 2.98
C ASP A 140 -17.84 -0.53 1.51
N VAL A 141 -18.28 -1.74 1.23
CA VAL A 141 -18.42 -2.20 -0.14
C VAL A 141 -19.20 -1.23 -1.03
N THR A 142 -20.26 -0.63 -0.48
CA THR A 142 -21.13 0.26 -1.23
C THR A 142 -20.41 1.59 -1.45
N ASP A 143 -19.63 2.06 -0.47
CA ASP A 143 -18.83 3.28 -0.74
C ASP A 143 -17.83 3.08 -1.87
N VAL A 144 -17.18 1.91 -1.93
CA VAL A 144 -16.15 1.63 -2.93
C VAL A 144 -16.81 1.45 -4.26
N SER A 145 -17.94 0.78 -4.25
CA SER A 145 -18.75 0.61 -5.43
C SER A 145 -19.12 1.96 -6.09
N LYS A 146 -19.40 2.95 -5.24
CA LYS A 146 -19.82 4.30 -5.66
C LYS A 146 -18.62 5.15 -6.00
N ALA A 147 -17.46 4.54 -5.99
CA ALA A 147 -16.31 5.16 -6.57
C ALA A 147 -16.00 4.58 -7.95
N GLY A 148 -16.90 3.79 -8.56
CA GLY A 148 -16.62 3.22 -9.93
C GLY A 148 -15.99 1.82 -10.00
N HIS A 149 -16.19 1.05 -8.95
CA HIS A 149 -15.63 -0.28 -8.85
C HIS A 149 -16.71 -1.33 -8.66
N THR A 150 -16.37 -2.56 -9.05
CA THR A 150 -17.28 -3.68 -8.99
C THR A 150 -16.66 -4.77 -8.14
N LEU A 151 -17.46 -5.79 -7.87
CA LEU A 151 -17.04 -6.98 -7.17
C LEU A 151 -15.90 -7.72 -7.85
N GLU A 152 -15.64 -7.42 -9.10
CA GLU A 152 -14.51 -8.04 -9.72
C GLU A 152 -13.25 -7.68 -8.90
N LEU A 153 -13.21 -6.43 -8.39
CA LEU A 153 -12.14 -5.98 -7.48
C LEU A 153 -12.50 -6.15 -6.00
N ILE A 154 -13.72 -5.76 -5.61
CA ILE A 154 -14.03 -5.62 -4.21
C ILE A 154 -14.09 -6.95 -3.44
N GLU A 155 -14.69 -7.97 -4.03
CA GLU A 155 -14.78 -9.25 -3.34
C GLU A 155 -13.41 -9.81 -2.96
N PRO A 156 -12.48 -9.98 -3.91
CA PRO A 156 -11.12 -10.43 -3.63
C PRO A 156 -10.31 -9.43 -2.76
N LEU A 157 -10.65 -8.13 -2.78
CA LEU A 157 -10.01 -7.18 -1.90
C LEU A 157 -10.44 -7.36 -0.44
N ILE A 158 -11.74 -7.47 -0.19
CA ILE A 158 -12.19 -7.75 1.17
C ILE A 158 -11.68 -9.09 1.63
N LYS A 159 -11.65 -10.09 0.77
CA LYS A 159 -10.99 -11.37 1.15
C LYS A 159 -9.53 -11.21 1.56
N PHE A 160 -8.76 -10.41 0.80
CA PHE A 160 -7.40 -10.02 1.16
C PHE A 160 -7.36 -9.42 2.56
N GLN A 161 -8.16 -8.38 2.77
CA GLN A 161 -8.26 -7.70 4.06
C GLN A 161 -8.51 -8.69 5.18
N VAL A 162 -9.50 -9.53 4.99
CA VAL A 162 -9.81 -10.54 5.99
C VAL A 162 -8.64 -11.47 6.32
N GLY A 163 -8.01 -12.04 5.27
CA GLY A 163 -6.90 -13.02 5.36
C GLY A 163 -5.59 -12.41 5.90
N LEU A 164 -5.35 -11.16 5.54
CA LEU A 164 -4.29 -10.36 6.15
C LEU A 164 -4.57 -10.07 7.63
N LYS A 165 -5.81 -9.70 7.95
CA LYS A 165 -6.15 -9.35 9.34
C LYS A 165 -6.01 -10.57 10.28
N LYS A 166 -6.41 -11.73 9.79
CA LYS A 166 -6.26 -13.00 10.52
C LYS A 166 -4.84 -13.41 10.82
N LEU A 167 -3.86 -12.86 10.09
CA LEU A 167 -2.46 -13.18 10.36
C LEU A 167 -2.03 -12.52 11.68
N ASN A 168 -2.72 -11.47 12.11
CA ASN A 168 -2.41 -10.76 13.37
C ASN A 168 -0.96 -10.33 13.47
N LEU A 169 -0.50 -9.61 12.45
CA LEU A 169 0.92 -9.34 12.36
C LEU A 169 1.35 -8.44 13.50
N HIS A 170 2.58 -8.61 13.95
CA HIS A 170 3.19 -7.60 14.75
C HIS A 170 3.40 -6.35 13.85
N GLU A 171 3.45 -5.17 14.44
CA GLU A 171 3.62 -4.01 13.65
C GLU A 171 4.93 -4.14 12.93
N GLU A 172 5.92 -4.77 13.56
CA GLU A 172 7.25 -4.99 12.96
C GLU A 172 7.14 -5.77 11.63
N GLU A 173 6.29 -6.80 11.66
CA GLU A 173 6.00 -7.60 10.48
C GLU A 173 5.27 -6.84 9.37
N HIS A 174 4.28 -6.08 9.77
CA HIS A 174 3.54 -5.23 8.89
C HIS A 174 4.45 -4.29 8.06
N VAL A 175 5.39 -3.61 8.73
CA VAL A 175 6.16 -2.59 8.05
C VAL A 175 7.18 -3.22 7.14
N LEU A 176 7.69 -4.37 7.55
CA LEU A 176 8.61 -5.15 6.73
C LEU A 176 7.94 -5.66 5.45
N LEU A 177 6.66 -6.03 5.53
CA LEU A 177 5.93 -6.55 4.35
C LEU A 177 5.68 -5.44 3.32
N MET A 178 5.26 -4.28 3.82
CA MET A 178 5.13 -3.09 2.97
C MET A 178 6.46 -2.76 2.34
N ALA A 179 7.56 -2.79 3.11
CA ALA A 179 8.86 -2.47 2.49
C ALA A 179 9.26 -3.50 1.46
N ILE A 180 9.00 -4.78 1.75
CA ILE A 180 9.34 -5.86 0.82
C ILE A 180 8.53 -5.74 -0.46
N CYS A 181 7.25 -5.35 -0.31
CA CYS A 181 6.40 -5.10 -1.45
C CYS A 181 6.94 -4.02 -2.42
N ILE A 182 7.54 -2.99 -1.86
CA ILE A 182 7.99 -1.83 -2.68
C ILE A 182 9.30 -2.25 -3.36
N VAL A 183 10.19 -2.93 -2.64
CA VAL A 183 11.51 -3.22 -3.20
C VAL A 183 11.48 -4.55 -3.89
N SER A 184 10.62 -4.65 -4.88
CA SER A 184 10.38 -5.92 -5.56
C SER A 184 11.17 -5.92 -6.88
N PRO A 185 12.12 -6.88 -7.06
CA PRO A 185 12.95 -6.80 -8.28
C PRO A 185 12.35 -7.23 -9.64
N ASP A 186 11.16 -7.80 -9.66
CA ASP A 186 10.55 -8.30 -10.89
C ASP A 186 9.59 -7.29 -11.53
N ARG A 187 9.37 -6.16 -10.87
CA ARG A 187 8.48 -5.16 -11.46
C ARG A 187 9.04 -4.82 -12.86
N PRO A 188 8.20 -4.78 -13.90
CA PRO A 188 8.77 -4.47 -15.21
C PRO A 188 9.33 -3.02 -15.32
N GLY A 189 10.43 -2.88 -16.08
CA GLY A 189 11.12 -1.60 -16.24
C GLY A 189 12.27 -1.49 -15.28
N VAL A 190 12.46 -2.47 -14.42
CA VAL A 190 13.49 -2.31 -13.41
C VAL A 190 14.85 -2.48 -14.10
N GLN A 191 15.76 -1.54 -13.89
CA GLN A 191 17.08 -1.59 -14.52
C GLN A 191 18.00 -2.46 -13.67
N ASP A 192 18.39 -1.91 -12.52
CA ASP A 192 19.29 -2.58 -11.64
C ASP A 192 18.60 -3.56 -10.68
N ALA A 193 17.99 -4.58 -11.27
CA ALA A 193 17.31 -5.65 -10.55
C ALA A 193 18.16 -6.27 -9.44
N LYS A 194 19.46 -6.42 -9.69
CA LYS A 194 20.29 -7.17 -8.76
C LYS A 194 20.43 -6.34 -7.50
N LEU A 195 20.57 -5.03 -7.68
CA LEU A 195 20.57 -4.11 -6.52
C LEU A 195 19.23 -4.14 -5.76
N VAL A 196 18.13 -4.12 -6.49
CA VAL A 196 16.79 -4.24 -5.87
C VAL A 196 16.66 -5.53 -5.01
N GLU A 197 17.26 -6.62 -5.50
CA GLU A 197 17.19 -7.93 -4.87
C GLU A 197 18.01 -8.00 -3.61
N ALA A 198 19.20 -7.40 -3.66
CA ALA A 198 20.04 -7.34 -2.48
C ALA A 198 19.33 -6.53 -1.37
N ILE A 199 18.61 -5.48 -1.76
CA ILE A 199 17.91 -4.68 -0.77
C ILE A 199 16.73 -5.49 -0.17
N GLN A 200 15.90 -5.99 -1.04
CA GLN A 200 14.79 -6.80 -0.69
C GLN A 200 15.22 -8.01 0.13
N ASP A 201 16.30 -8.67 -0.30
CA ASP A 201 16.80 -9.82 0.44
C ASP A 201 17.17 -9.44 1.85
N ARG A 202 17.73 -8.26 2.08
CA ARG A 202 18.05 -7.81 3.45
C ARG A 202 16.82 -7.69 4.33
N LEU A 203 15.71 -7.23 3.72
CA LEU A 203 14.46 -7.10 4.45
C LEU A 203 13.76 -8.46 4.55
N SER A 204 13.78 -9.31 3.55
CA SER A 204 13.19 -10.68 3.71
C SER A 204 13.87 -11.42 4.90
N ASN A 205 15.20 -11.41 4.91
CA ASN A 205 15.96 -12.08 5.96
C ASN A 205 15.74 -11.50 7.30
N THR A 206 15.50 -10.20 7.39
CA THR A 206 15.14 -9.58 8.68
C THR A 206 13.78 -10.06 9.13
N LEU A 207 12.85 -10.15 8.18
CA LEU A 207 11.50 -10.65 8.46
C LEU A 207 11.56 -12.14 8.85
N GLN A 208 12.21 -12.98 8.06
CA GLN A 208 12.40 -14.41 8.44
C GLN A 208 12.90 -14.58 9.89
N THR A 209 13.94 -13.84 10.23
CA THR A 209 14.61 -14.00 11.49
C THR A 209 13.75 -13.42 12.63
N TYR A 210 13.14 -12.26 12.40
CA TYR A 210 12.19 -11.67 13.36
C TYR A 210 11.13 -12.65 13.79
N ILE A 211 10.59 -13.40 12.82
CA ILE A 211 9.43 -14.27 13.11
C ILE A 211 9.90 -15.42 14.00
N ARG A 212 11.08 -15.92 13.66
CA ARG A 212 11.78 -16.98 14.39
C ARG A 212 12.04 -16.55 15.80
N CYS A 213 12.60 -15.37 16.02
CA CYS A 213 12.96 -14.94 17.40
C CYS A 213 11.85 -14.26 18.17
N ARG A 214 10.95 -13.59 17.51
CA ARG A 214 9.96 -12.82 18.25
C ARG A 214 8.56 -13.29 18.04
N HIS A 215 8.28 -14.19 17.11
CA HIS A 215 6.84 -14.51 16.93
C HIS A 215 6.58 -15.88 17.53
N PRO A 216 5.85 -15.89 18.65
CA PRO A 216 5.74 -17.19 19.30
C PRO A 216 4.72 -18.05 18.54
N PRO A 217 4.91 -19.39 18.59
CA PRO A 217 3.84 -20.24 18.09
C PRO A 217 2.55 -20.19 18.97
N PRO A 218 1.41 -20.59 18.43
CA PRO A 218 1.26 -21.10 17.04
C PRO A 218 1.14 -20.00 15.94
N GLY A 219 0.92 -18.75 16.33
CA GLY A 219 0.81 -17.67 15.33
C GLY A 219 1.97 -17.60 14.32
N SER A 220 3.15 -18.10 14.68
CA SER A 220 4.29 -18.07 13.76
C SER A 220 4.28 -19.17 12.67
N HIS A 221 3.30 -20.07 12.75
CA HIS A 221 3.34 -21.29 11.97
C HIS A 221 3.18 -20.92 10.49
N GLN A 222 4.21 -21.17 9.70
CA GLN A 222 4.20 -20.93 8.26
C GLN A 222 4.00 -19.41 7.93
N LEU A 223 4.31 -18.56 8.88
CA LEU A 223 3.92 -17.15 8.81
C LEU A 223 4.64 -16.41 7.67
N TYR A 224 5.92 -16.70 7.41
CA TYR A 224 6.62 -16.08 6.27
C TYR A 224 5.94 -16.38 4.94
N ALA A 225 5.65 -17.65 4.77
CA ALA A 225 5.03 -18.21 3.59
C ALA A 225 3.63 -17.60 3.37
N LYS A 226 2.86 -17.48 4.43
CA LYS A 226 1.55 -16.84 4.37
C LYS A 226 1.66 -15.35 3.98
N MET A 227 2.69 -14.67 4.47
CA MET A 227 3.02 -13.29 4.06
C MET A 227 3.47 -13.19 2.58
N ILE A 228 4.32 -14.08 2.14
CA ILE A 228 4.75 -14.08 0.76
C ILE A 228 3.50 -14.33 -0.13
N GLN A 229 2.57 -15.15 0.33
CA GLN A 229 1.37 -15.41 -0.43
C GLN A 229 0.50 -14.16 -0.61
N LYS A 230 0.35 -13.37 0.44
CA LYS A 230 -0.29 -12.06 0.32
C LYS A 230 0.28 -11.11 -0.74
N LEU A 231 1.59 -11.02 -0.88
CA LEU A 231 2.25 -10.29 -2.00
C LEU A 231 1.85 -10.84 -3.39
N ALA A 232 1.61 -12.14 -3.44
CA ALA A 232 1.04 -12.76 -4.64
C ALA A 232 -0.41 -12.36 -4.78
N ASP A 233 -1.16 -12.27 -3.67
CA ASP A 233 -2.54 -11.87 -3.83
C ASP A 233 -2.60 -10.41 -4.31
N LEU A 234 -1.71 -9.57 -3.78
CA LEU A 234 -1.59 -8.15 -4.24
C LEU A 234 -1.26 -7.95 -5.75
N ARG A 235 -0.41 -8.82 -6.34
CA ARG A 235 -0.18 -8.82 -7.80
C ARG A 235 -1.49 -8.94 -8.56
N SER A 236 -2.36 -9.83 -8.11
CA SER A 236 -3.63 -10.08 -8.81
C SER A 236 -4.60 -8.88 -8.58
N LEU A 237 -4.67 -8.37 -7.36
CA LEU A 237 -5.42 -7.14 -7.09
C LEU A 237 -4.90 -5.94 -7.93
N ASN A 238 -3.61 -5.78 -8.05
CA ASN A 238 -3.05 -4.69 -8.80
C ASN A 238 -3.53 -4.74 -10.29
N GLU A 239 -3.40 -5.93 -10.85
CA GLU A 239 -3.89 -6.27 -12.18
C GLU A 239 -5.32 -5.83 -12.43
N GLU A 240 -6.20 -6.24 -11.52
CA GLU A 240 -7.63 -5.91 -11.67
C GLU A 240 -7.87 -4.40 -11.49
N HIS A 241 -7.12 -3.82 -10.57
CA HIS A 241 -7.25 -2.40 -10.34
C HIS A 241 -6.81 -1.63 -11.61
N SER A 242 -5.69 -1.98 -12.17
CA SER A 242 -5.18 -1.34 -13.38
C SER A 242 -6.20 -1.39 -14.56
N LYS A 243 -6.87 -2.51 -14.66
CA LYS A 243 -7.97 -2.70 -15.59
C LYS A 243 -9.19 -1.81 -15.31
N GLN A 244 -9.63 -1.73 -14.07
CA GLN A 244 -10.75 -0.82 -13.76
C GLN A 244 -10.30 0.64 -13.94
N TYR A 245 -9.05 0.92 -13.61
CA TYR A 245 -8.50 2.24 -13.81
C TYR A 245 -8.57 2.66 -15.28
N ARG A 246 -8.09 1.79 -16.17
CA ARG A 246 -8.13 2.01 -17.62
C ARG A 246 -9.55 2.33 -18.08
N SER A 247 -10.52 1.55 -17.60
CA SER A 247 -11.92 1.77 -17.95
C SER A 247 -12.39 3.13 -17.51
N LEU A 248 -12.32 3.44 -16.21
CA LEU A 248 -12.66 4.79 -15.69
C LEU A 248 -11.92 5.88 -16.42
N SER A 249 -10.61 5.68 -16.48
CA SER A 249 -9.67 6.52 -17.21
C SER A 249 -10.14 6.89 -18.61
N PHE A 250 -10.74 5.94 -19.33
CA PHE A 250 -11.22 6.18 -20.71
C PHE A 250 -12.32 7.24 -20.81
N GLN A 251 -13.06 7.47 -19.72
CA GLN A 251 -14.08 8.52 -19.63
C GLN A 251 -13.55 9.87 -19.08
N PRO A 252 -13.25 10.84 -19.99
CA PRO A 252 -12.52 12.04 -19.54
C PRO A 252 -13.23 12.80 -18.40
N GLU A 253 -14.54 12.70 -18.33
CA GLU A 253 -15.35 13.33 -17.26
C GLU A 253 -15.21 12.72 -15.87
N ASN A 254 -14.78 11.46 -15.78
CA ASN A 254 -14.49 10.87 -14.46
C ASN A 254 -13.03 11.05 -14.11
N SER A 255 -12.19 10.83 -15.10
CA SER A 255 -10.79 11.13 -15.03
C SER A 255 -10.53 12.58 -14.56
N MET A 256 -11.50 13.48 -14.84
CA MET A 256 -11.50 14.82 -14.33
C MET A 256 -11.59 14.90 -12.81
N LYS A 257 -12.25 13.93 -12.19
CA LYS A 257 -12.45 13.96 -10.76
C LYS A 257 -11.21 13.47 -9.95
N LEU A 258 -10.17 12.98 -10.63
CA LEU A 258 -9.01 12.45 -9.98
C LEU A 258 -8.14 13.63 -9.57
N THR A 259 -6.89 13.32 -9.23
CA THR A 259 -5.93 14.33 -8.85
C THR A 259 -4.74 14.22 -9.76
N PRO A 260 -3.95 15.29 -9.82
CA PRO A 260 -2.84 15.21 -10.74
C PRO A 260 -1.82 14.10 -10.36
N LEU A 261 -1.56 13.92 -9.07
CA LEU A 261 -0.66 12.84 -8.61
C LEU A 261 -1.19 11.47 -9.01
N VAL A 262 -2.47 11.24 -8.77
CA VAL A 262 -3.08 9.99 -9.15
C VAL A 262 -2.98 9.76 -10.66
N LEU A 263 -3.19 10.80 -11.46
CA LEU A 263 -2.98 10.64 -12.87
C LEU A 263 -1.54 10.39 -13.22
N GLU A 264 -0.64 10.97 -12.48
CA GLU A 264 0.74 10.74 -12.86
C GLU A 264 1.15 9.31 -12.53
N VAL A 265 0.76 8.87 -11.34
CA VAL A 265 1.25 7.60 -10.82
C VAL A 265 0.51 6.42 -11.46
N PHE A 266 -0.82 6.49 -11.48
CA PHE A 266 -1.60 5.42 -12.08
C PHE A 266 -1.67 5.46 -13.62
N GLY A 267 -1.11 6.48 -14.26
CA GLY A 267 -1.09 6.60 -15.74
C GLY A 267 -2.38 7.16 -16.36
N LYS B 1 11.31 10.45 -18.59
CA LYS B 1 10.31 9.71 -17.75
C LYS B 1 8.93 10.38 -17.77
N ASN B 2 8.91 11.70 -17.63
CA ASN B 2 7.67 12.47 -17.56
C ASN B 2 6.92 12.09 -16.28
N HIS B 3 7.63 12.11 -15.13
CA HIS B 3 6.98 11.90 -13.81
C HIS B 3 7.42 12.93 -12.84
N PRO B 4 7.16 14.21 -13.14
CA PRO B 4 7.65 15.32 -12.29
C PRO B 4 7.21 15.38 -10.83
N MET B 5 5.94 15.07 -10.53
CA MET B 5 5.43 15.16 -9.14
C MET B 5 6.02 14.04 -8.27
N LEU B 6 6.11 12.85 -8.86
CA LEU B 6 6.64 11.68 -8.21
C LEU B 6 8.16 11.84 -8.03
N MET B 7 8.85 12.31 -9.08
CA MET B 7 10.27 12.67 -8.95
C MET B 7 10.50 13.61 -7.81
N ASN B 8 9.72 14.68 -7.78
CA ASN B 8 9.81 15.67 -6.74
C ASN B 8 9.57 15.16 -5.33
N LEU B 9 8.53 14.36 -5.15
CA LEU B 9 8.26 13.80 -3.82
C LEU B 9 9.35 12.79 -3.36
N LEU B 10 10.04 12.18 -4.30
CA LEU B 10 11.12 11.23 -3.96
C LEU B 10 12.46 11.83 -3.57
N LYS B 11 12.74 13.05 -4.03
CA LYS B 11 14.07 13.66 -3.82
C LYS B 11 14.36 13.97 -2.36
#